data_8TOS
#
_entry.id   8TOS
#
_cell.length_a   179.566
_cell.length_b   179.566
_cell.length_c   70.252
_cell.angle_alpha   90.000
_cell.angle_beta   90.000
_cell.angle_gamma   120.000
#
_symmetry.space_group_name_H-M   'H 3'
#
loop_
_entity.id
_entity.type
_entity.pdbx_description
1 polymer 'Angiotensin-converting enzyme 2'
2 polymer 'Peptide 6'
3 branched alpha-L-fucopyranose-(1-6)-2-acetamido-2-deoxy-beta-D-glucopyranose
4 non-polymer GLYCEROL
5 non-polymer 2-acetamido-2-deoxy-beta-D-glucopyranose
6 non-polymer 'ZINC ION'
7 non-polymer 'CHLORIDE ION'
8 water water
#
loop_
_entity_poly.entity_id
_entity_poly.type
_entity_poly.pdbx_seq_one_letter_code
_entity_poly.pdbx_strand_id
1 'polypeptide(L)'
;QSTIEEQAKTFLDKFNHEAEDLFYQSSLASWNYNTNITEENVQNMNNAGDKWSAFLKEQSTLAQMYPLQEIQNLTVKLQL
QALQQNGSSVLSEDKSKRLNTILNTMSTIYSTGKVCNPDNPQECLLLEPGLNEIMANSLDYNERLWAWESWRSEVGKQLR
PLYEEYVVLKNEMARANHYEDYGDYWRGDYEVNGVDGYDYSRGQLIEDVEHTFEEIKPLYEHLHAYVRAKLMNAYPSYIS
PIGCLPAHLLGDMWGRFWTNLYSLTVPFGQKPNIDVTDAMVDQAWDAQRIFKEAEKFFVSVGLPNMTQGFWENSMLTDPG
NVQKAVCHPTAWDLGKGDFRILMCTKVTMDDFLTAHHEMGHIQYDMAYAAQPFLLRNGANEGFHEAVGEIMSLSAATPKH
LKSIGLLSPDFQEDNETEINFLLKQALTIVGTLPFTYMLEKWRWMVFKGEIPKDQWMKKWWEMKREIVGVVEPVPHDETY
CDPASLFHVSNDYSFIRYYTRTLYQFQFQEALCQAAKHEGPLHKCDISNSTEAGQKLFNMLRLGKSEPWTLALENVVGAK
NMNVRPLLNYFEPLFTWLKDQNKNSFVGWSTDWSPYAGSHHHHHHHHHHSGLNDIFEAQKIEWHE
;
A
2 'polypeptide(L)' (ACE)YARPLRHRPWYVSWC(NH2) E
#
# COMPACT_ATOMS: atom_id res chain seq x y z
N SER A 2 -2.12 36.72 17.46
CA SER A 2 -2.35 37.76 16.46
C SER A 2 -3.79 37.73 15.96
N THR A 3 -4.23 38.83 15.35
CA THR A 3 -5.58 38.88 14.83
C THR A 3 -5.78 37.87 13.70
N ILE A 4 -4.82 37.79 12.77
CA ILE A 4 -5.00 36.86 11.65
C ILE A 4 -5.00 35.43 12.15
N GLU A 5 -4.14 35.09 13.10
CA GLU A 5 -4.13 33.73 13.62
C GLU A 5 -5.43 33.40 14.36
N GLU A 6 -5.95 34.35 15.14
CA GLU A 6 -7.22 34.14 15.82
C GLU A 6 -8.35 33.94 14.82
N GLN A 7 -8.38 34.76 13.76
CA GLN A 7 -9.38 34.58 12.72
C GLN A 7 -9.21 33.24 12.01
N ALA A 8 -7.97 32.81 11.82
CA ALA A 8 -7.73 31.49 11.22
C ALA A 8 -8.28 30.38 12.10
N LYS A 9 -8.08 30.50 13.42
CA LYS A 9 -8.63 29.50 14.34
C LYS A 9 -10.16 29.47 14.26
N THR A 10 -10.78 30.65 14.23
CA THR A 10 -12.25 30.70 14.13
C THR A 10 -12.71 30.08 12.81
N PHE A 11 -12.05 30.42 11.71
CA PHE A 11 -12.40 29.85 10.42
C PHE A 11 -12.30 28.33 10.45
N LEU A 12 -11.22 27.81 11.05
CA LEU A 12 -11.03 26.36 11.11
C LEU A 12 -12.10 25.70 11.98
N ASP A 13 -12.49 26.35 13.08
CA ASP A 13 -13.54 25.80 13.94
C ASP A 13 -14.85 25.65 13.16
N LYS A 14 -15.25 26.71 12.45
CA LYS A 14 -16.48 26.64 11.69
C LYS A 14 -16.36 25.63 10.54
N PHE A 15 -15.19 25.59 9.91
CA PHE A 15 -14.94 24.55 8.92
C PHE A 15 -15.15 23.17 9.52
N ASN A 16 -14.63 22.95 10.72
CA ASN A 16 -14.73 21.64 11.34
C ASN A 16 -16.18 21.24 11.54
N HIS A 17 -17.00 22.16 12.06
CA HIS A 17 -18.41 21.80 12.25
C HIS A 17 -19.08 21.44 10.93
N GLU A 18 -18.96 22.33 9.93
CA GLU A 18 -19.67 22.08 8.67
C GLU A 18 -19.12 20.84 7.98
N ALA A 19 -17.80 20.66 8.00
CA ALA A 19 -17.19 19.50 7.38
C ALA A 19 -17.63 18.22 8.06
N GLU A 20 -17.73 18.21 9.39
CA GLU A 20 -18.24 17.03 10.05
C GLU A 20 -19.62 16.67 9.52
N ASP A 21 -20.50 17.68 9.41
CA ASP A 21 -21.86 17.37 8.94
C ASP A 21 -21.85 16.84 7.49
N LEU A 22 -21.19 17.57 6.58
CA LEU A 22 -21.21 17.18 5.17
C LEU A 22 -20.48 15.86 4.95
N PHE A 23 -19.36 15.66 5.64
CA PHE A 23 -18.62 14.41 5.53
C PHE A 23 -19.44 13.25 6.05
N TYR A 24 -20.17 13.44 7.16
CA TYR A 24 -21.01 12.35 7.63
C TYR A 24 -22.08 12.01 6.61
N GLN A 25 -22.72 13.01 6.02
CA GLN A 25 -23.77 12.69 5.05
C GLN A 25 -23.18 12.00 3.82
N SER A 26 -22.03 12.47 3.32
CA SER A 26 -21.41 11.80 2.17
C SER A 26 -21.00 10.37 2.53
N SER A 27 -20.41 10.18 3.72
CA SER A 27 -19.98 8.85 4.13
C SER A 27 -21.17 7.91 4.26
N LEU A 28 -22.26 8.38 4.86
CA LEU A 28 -23.44 7.54 5.02
C LEU A 28 -24.08 7.21 3.67
N ALA A 29 -24.15 8.19 2.76
CA ALA A 29 -24.70 7.92 1.44
C ALA A 29 -23.84 6.90 0.69
N SER A 30 -22.52 7.07 0.73
CA SER A 30 -21.63 6.14 0.07
C SER A 30 -21.73 4.76 0.69
N TRP A 31 -21.86 4.69 2.00
CA TRP A 31 -22.04 3.41 2.68
C TRP A 31 -23.33 2.74 2.23
N ASN A 32 -24.41 3.50 2.13
CA ASN A 32 -25.68 2.92 1.70
C ASN A 32 -25.57 2.36 0.30
N TYR A 33 -24.95 3.10 -0.61
CA TYR A 33 -24.79 2.58 -1.97
C TYR A 33 -23.95 1.31 -1.97
N ASN A 34 -22.84 1.30 -1.21
CA ASN A 34 -21.98 0.12 -1.21
C ASN A 34 -22.67 -1.08 -0.56
N THR A 35 -23.59 -0.84 0.36
CA THR A 35 -24.32 -1.92 1.02
C THR A 35 -25.54 -2.37 0.23
N ASN A 36 -26.15 -1.48 -0.54
CA ASN A 36 -27.39 -1.80 -1.27
C ASN A 36 -27.37 -0.98 -2.56
N ILE A 37 -26.85 -1.59 -3.63
CA ILE A 37 -26.71 -0.90 -4.89
C ILE A 37 -28.11 -0.59 -5.44
N THR A 38 -28.42 0.70 -5.55
CA THR A 38 -29.69 1.14 -6.10
C THR A 38 -29.47 2.42 -6.89
N GLU A 39 -30.35 2.68 -7.85
CA GLU A 39 -30.32 3.97 -8.53
C GLU A 39 -30.63 5.10 -7.54
N GLU A 40 -31.54 4.84 -6.59
CA GLU A 40 -31.82 5.84 -5.57
C GLU A 40 -30.60 6.11 -4.69
N ASN A 41 -29.90 5.04 -4.28
CA ASN A 41 -28.71 5.24 -3.45
C ASN A 41 -27.56 5.79 -4.28
N VAL A 42 -27.50 5.44 -5.57
CA VAL A 42 -26.55 6.11 -6.47
C VAL A 42 -26.82 7.62 -6.46
N GLN A 43 -28.08 8.01 -6.62
CA GLN A 43 -28.43 9.43 -6.65
C GLN A 43 -28.10 10.12 -5.33
N ASN A 44 -28.45 9.48 -4.21
CA ASN A 44 -28.16 10.07 -2.91
C ASN A 44 -26.66 10.22 -2.70
N MET A 45 -25.87 9.20 -3.08
CA MET A 45 -24.42 9.29 -2.99
C MET A 45 -23.91 10.45 -3.83
N ASN A 46 -24.41 10.59 -5.07
CA ASN A 46 -23.93 11.65 -5.93
C ASN A 46 -24.25 13.01 -5.33
N ASN A 47 -25.46 13.18 -4.78
CA ASN A 47 -25.82 14.45 -4.17
C ASN A 47 -24.88 14.79 -3.01
N ALA A 48 -24.66 13.81 -2.12
CA ALA A 48 -23.80 14.06 -0.97
C ALA A 48 -22.38 14.39 -1.40
N GLY A 49 -21.84 13.63 -2.35
CA GLY A 49 -20.49 13.91 -2.83
C GLY A 49 -20.37 15.28 -3.47
N ASP A 50 -21.38 15.68 -4.24
CA ASP A 50 -21.34 16.98 -4.90
C ASP A 50 -21.36 18.11 -3.89
N LYS A 51 -22.25 18.01 -2.88
CA LYS A 51 -22.26 19.04 -1.84
C LYS A 51 -20.91 19.09 -1.12
N TRP A 52 -20.34 17.94 -0.80
CA TRP A 52 -19.07 17.89 -0.09
C TRP A 52 -17.96 18.57 -0.90
N SER A 53 -17.87 18.24 -2.19
CA SER A 53 -16.80 18.81 -3.01
C SER A 53 -16.97 20.31 -3.20
N ALA A 54 -18.20 20.79 -3.43
CA ALA A 54 -18.41 22.22 -3.56
C ALA A 54 -18.05 22.95 -2.27
N PHE A 55 -18.45 22.38 -1.13
CA PHE A 55 -18.09 22.95 0.16
C PHE A 55 -16.57 23.07 0.29
N LEU A 56 -15.84 22.03 -0.09
CA LEU A 56 -14.38 22.10 0.02
C LEU A 56 -13.80 23.16 -0.91
N LYS A 57 -14.37 23.33 -2.10
CA LYS A 57 -13.90 24.38 -3.00
C LYS A 57 -14.03 25.75 -2.34
N GLU A 58 -15.22 26.05 -1.80
CA GLU A 58 -15.42 27.32 -1.11
C GLU A 58 -14.46 27.48 0.06
N GLN A 59 -14.29 26.42 0.87
CA GLN A 59 -13.44 26.52 2.04
C GLN A 59 -11.98 26.69 1.68
N SER A 60 -11.54 26.13 0.54
CA SER A 60 -10.18 26.39 0.08
C SER A 60 -9.98 27.86 -0.22
N THR A 61 -10.93 28.44 -0.95
CA THR A 61 -10.80 29.88 -1.22
C THR A 61 -10.77 30.67 0.08
N LEU A 62 -11.63 30.32 1.04
CA LEU A 62 -11.66 31.06 2.30
C LEU A 62 -10.35 30.88 3.08
N ALA A 63 -9.80 29.67 3.07
CA ALA A 63 -8.55 29.41 3.78
C ALA A 63 -7.41 30.24 3.22
N GLN A 64 -7.51 30.63 1.94
CA GLN A 64 -6.46 31.48 1.38
C GLN A 64 -6.31 32.82 2.11
N MET A 65 -7.33 33.28 2.84
CA MET A 65 -7.26 34.59 3.48
C MET A 65 -6.30 34.64 4.66
N TYR A 66 -5.67 33.53 5.02
CA TYR A 66 -4.84 33.44 6.22
C TYR A 66 -3.46 32.94 5.83
N PRO A 67 -2.59 33.83 5.37
CA PRO A 67 -1.24 33.40 4.98
C PRO A 67 -0.51 32.70 6.11
N LEU A 68 0.10 31.55 5.80
CA LEU A 68 0.86 30.81 6.80
C LEU A 68 2.04 31.61 7.31
N GLN A 69 2.52 32.56 6.51
CA GLN A 69 3.63 33.40 6.91
C GLN A 69 3.35 34.16 8.19
N GLU A 70 2.08 34.35 8.54
CA GLU A 70 1.69 35.07 9.74
C GLU A 70 1.12 34.16 10.82
N ILE A 71 1.09 32.85 10.60
CA ILE A 71 0.64 31.89 11.59
C ILE A 71 1.86 31.31 12.29
N GLN A 72 1.86 31.34 13.62
CA GLN A 72 2.94 30.77 14.40
C GLN A 72 2.57 29.47 15.09
N ASN A 73 1.28 29.18 15.27
CA ASN A 73 0.87 27.89 15.82
C ASN A 73 0.96 26.83 14.73
N LEU A 74 1.67 25.74 15.03
CA LEU A 74 1.96 24.74 14.01
C LEU A 74 0.73 23.91 13.66
N THR A 75 -0.09 23.57 14.66
CA THR A 75 -1.32 22.82 14.38
C THR A 75 -2.24 23.60 13.46
N VAL A 76 -2.44 24.89 13.76
CA VAL A 76 -3.22 25.75 12.88
C VAL A 76 -2.59 25.79 11.49
N LYS A 77 -1.26 25.87 11.45
CA LYS A 77 -0.55 25.89 10.17
C LYS A 77 -0.83 24.62 9.37
N LEU A 78 -0.81 23.47 10.02
CA LEU A 78 -1.08 22.20 9.36
C LEU A 78 -2.48 22.22 8.74
N GLN A 79 -3.48 22.57 9.56
CA GLN A 79 -4.85 22.58 9.07
C GLN A 79 -4.99 23.53 7.89
N LEU A 80 -4.40 24.72 7.99
CA LEU A 80 -4.53 25.70 6.91
C LEU A 80 -3.85 25.21 5.63
N GLN A 81 -2.65 24.62 5.76
CA GLN A 81 -1.94 24.14 4.58
C GLN A 81 -2.77 23.10 3.85
N ALA A 82 -3.41 22.19 4.58
CA ALA A 82 -4.22 21.17 3.92
C ALA A 82 -5.28 21.80 3.03
N LEU A 83 -5.92 22.88 3.49
CA LEU A 83 -6.99 23.51 2.73
C LEU A 83 -6.48 24.46 1.65
N GLN A 84 -5.26 24.99 1.82
CA GLN A 84 -4.74 26.01 0.92
C GLN A 84 -4.08 25.44 -0.34
N GLN A 85 -3.92 24.12 -0.44
CA GLN A 85 -3.21 23.54 -1.57
C GLN A 85 -3.89 23.92 -2.87
N ASN A 86 -3.15 24.60 -3.75
CA ASN A 86 -3.71 25.05 -5.02
C ASN A 86 -3.81 23.91 -6.03
N GLY A 87 -2.79 23.06 -6.11
CA GLY A 87 -2.86 21.91 -6.99
C GLY A 87 -2.98 22.30 -8.45
N SER A 88 -3.85 21.58 -9.17
CA SER A 88 -4.00 21.79 -10.60
C SER A 88 -4.64 23.14 -10.92
N SER A 89 -5.25 23.80 -9.94
CA SER A 89 -5.88 25.09 -10.19
C SER A 89 -4.88 26.17 -10.57
N VAL A 90 -3.61 26.00 -10.22
CA VAL A 90 -2.60 27.01 -10.55
C VAL A 90 -2.34 27.08 -12.05
N LEU A 91 -2.79 26.10 -12.81
CA LEU A 91 -2.61 26.12 -14.25
C LEU A 91 -3.70 26.96 -14.90
N SER A 92 -3.42 27.42 -16.12
CA SER A 92 -4.46 28.05 -16.91
C SER A 92 -5.56 27.05 -17.19
N GLU A 93 -6.76 27.57 -17.49
CA GLU A 93 -7.88 26.68 -17.75
C GLU A 93 -7.59 25.76 -18.93
N ASP A 94 -6.82 26.24 -19.92
CA ASP A 94 -6.47 25.39 -21.06
C ASP A 94 -5.60 24.22 -20.62
N LYS A 95 -4.51 24.51 -19.89
CA LYS A 95 -3.62 23.46 -19.43
C LYS A 95 -4.30 22.57 -18.41
N SER A 96 -5.11 23.15 -17.52
CA SER A 96 -5.89 22.36 -16.57
C SER A 96 -6.81 21.38 -17.30
N LYS A 97 -7.52 21.87 -18.31
CA LYS A 97 -8.44 21.02 -19.06
C LYS A 97 -7.68 19.92 -19.78
N ARG A 98 -6.55 20.26 -20.40
CA ARG A 98 -5.77 19.24 -21.10
C ARG A 98 -5.27 18.18 -20.14
N LEU A 99 -4.79 18.59 -18.97
CA LEU A 99 -4.29 17.62 -17.99
C LEU A 99 -5.40 16.70 -17.53
N ASN A 100 -6.60 17.24 -17.26
CA ASN A 100 -7.69 16.39 -16.83
C ASN A 100 -8.10 15.42 -17.95
N THR A 101 -8.11 15.90 -19.20
CA THR A 101 -8.41 15.01 -20.31
C THR A 101 -7.39 13.88 -20.40
N ILE A 102 -6.10 14.21 -20.26
CA ILE A 102 -5.06 13.20 -20.30
C ILE A 102 -5.23 12.20 -19.16
N LEU A 103 -5.51 12.69 -17.95
CA LEU A 103 -5.64 11.80 -16.80
C LEU A 103 -6.80 10.82 -16.99
N ASN A 104 -7.97 11.34 -17.38
CA ASN A 104 -9.12 10.48 -17.60
C ASN A 104 -8.85 9.51 -18.74
N THR A 105 -8.16 9.96 -19.79
CA THR A 105 -7.87 9.09 -20.92
C THR A 105 -6.94 7.95 -20.53
N MET A 106 -5.88 8.24 -19.77
CA MET A 106 -4.98 7.18 -19.34
C MET A 106 -5.72 6.17 -18.45
N SER A 107 -6.54 6.67 -17.53
CA SER A 107 -7.30 5.77 -16.68
C SER A 107 -8.21 4.88 -17.52
N THR A 108 -8.89 5.45 -18.51
CA THR A 108 -9.81 4.70 -19.34
C THR A 108 -9.08 3.68 -20.20
N ILE A 109 -7.93 4.07 -20.75
CA ILE A 109 -7.14 3.14 -21.55
C ILE A 109 -6.74 1.94 -20.70
N TYR A 110 -6.28 2.20 -19.47
CA TYR A 110 -5.84 1.10 -18.62
C TYR A 110 -7.01 0.18 -18.27
N SER A 111 -8.14 0.75 -17.87
CA SER A 111 -9.22 -0.09 -17.37
C SER A 111 -10.04 -0.76 -18.47
N THR A 112 -9.87 -0.35 -19.73
CA THR A 112 -10.52 -1.02 -20.86
C THR A 112 -9.54 -1.88 -21.65
N GLY A 113 -8.29 -1.99 -21.19
CA GLY A 113 -7.28 -2.73 -21.91
C GLY A 113 -7.65 -4.19 -22.11
N LYS A 114 -7.55 -4.67 -23.35
CA LYS A 114 -7.76 -6.08 -23.63
C LYS A 114 -6.92 -6.46 -24.84
N VAL A 115 -6.49 -7.71 -24.85
CA VAL A 115 -5.67 -8.25 -25.93
C VAL A 115 -6.36 -9.48 -26.49
N CYS A 116 -6.30 -9.66 -27.80
CA CYS A 116 -7.07 -10.69 -28.46
C CYS A 116 -6.16 -11.69 -29.14
N ASN A 117 -6.66 -12.91 -29.26
CA ASN A 117 -5.94 -13.98 -29.92
C ASN A 117 -5.62 -13.56 -31.35
N PRO A 118 -4.34 -13.51 -31.75
CA PRO A 118 -4.03 -13.06 -33.11
C PRO A 118 -4.63 -13.93 -34.20
N ASP A 119 -4.74 -15.24 -33.96
CA ASP A 119 -5.29 -16.15 -34.95
C ASP A 119 -6.81 -16.13 -34.99
N ASN A 120 -7.47 -15.54 -33.99
CA ASN A 120 -8.93 -15.45 -33.96
C ASN A 120 -9.28 -14.19 -33.18
N PRO A 121 -9.42 -13.05 -33.86
CA PRO A 121 -9.45 -11.75 -33.15
C PRO A 121 -10.68 -11.48 -32.30
N GLN A 122 -11.74 -12.28 -32.38
CA GLN A 122 -12.91 -12.06 -31.52
C GLN A 122 -12.77 -12.75 -30.17
N GLU A 123 -11.68 -13.50 -29.96
CA GLU A 123 -11.36 -14.09 -28.67
C GLU A 123 -10.41 -13.14 -27.94
N CYS A 124 -10.90 -12.49 -26.88
CA CYS A 124 -10.14 -11.45 -26.21
C CYS A 124 -10.10 -11.70 -24.71
N LEU A 125 -9.07 -11.16 -24.08
CA LEU A 125 -8.82 -11.31 -22.66
C LEU A 125 -8.59 -9.95 -22.03
N LEU A 126 -9.19 -9.76 -20.85
CA LEU A 126 -8.95 -8.62 -19.99
C LEU A 126 -7.81 -8.91 -19.04
N LEU A 127 -7.28 -7.86 -18.42
CA LEU A 127 -6.27 -8.04 -17.38
C LEU A 127 -6.79 -8.97 -16.29
N GLU A 128 -7.97 -8.67 -15.76
CA GLU A 128 -8.62 -9.50 -14.76
C GLU A 128 -9.87 -10.13 -15.37
N PRO A 129 -10.03 -11.46 -15.38
CA PRO A 129 -9.10 -12.49 -14.90
C PRO A 129 -8.13 -13.08 -15.92
N GLY A 130 -8.32 -12.90 -17.23
CA GLY A 130 -7.59 -13.67 -18.21
C GLY A 130 -6.08 -13.57 -18.13
N LEU A 131 -5.55 -12.38 -18.37
CA LEU A 131 -4.11 -12.20 -18.39
C LEU A 131 -3.50 -12.47 -17.03
N ASN A 132 -4.16 -12.04 -15.95
CA ASN A 132 -3.66 -12.32 -14.61
C ASN A 132 -3.60 -13.81 -14.36
N GLU A 133 -4.60 -14.56 -14.84
CA GLU A 133 -4.58 -16.01 -14.71
C GLU A 133 -3.39 -16.61 -15.44
N ILE A 134 -3.11 -16.13 -16.66
CA ILE A 134 -1.94 -16.62 -17.38
C ILE A 134 -0.67 -16.35 -16.57
N MET A 135 -0.51 -15.10 -16.11
CA MET A 135 0.73 -14.71 -15.45
C MET A 135 0.91 -15.40 -14.11
N ALA A 136 -0.18 -15.85 -13.48
CA ALA A 136 -0.07 -16.57 -12.22
C ALA A 136 0.20 -18.05 -12.44
N ASN A 137 -0.45 -18.66 -13.44
CA ASN A 137 -0.55 -20.11 -13.51
C ASN A 137 0.10 -20.75 -14.72
N SER A 138 0.38 -20.00 -15.77
CA SER A 138 0.94 -20.61 -16.98
C SER A 138 2.38 -21.05 -16.74
N LEU A 139 2.72 -22.23 -17.23
CA LEU A 139 4.10 -22.71 -17.30
C LEU A 139 4.61 -22.71 -18.73
N ASP A 140 3.91 -22.01 -19.63
CA ASP A 140 4.25 -21.93 -21.04
C ASP A 140 5.01 -20.63 -21.27
N TYR A 141 6.30 -20.74 -21.52
CA TYR A 141 7.14 -19.55 -21.69
C TYR A 141 6.55 -18.60 -22.71
N ASN A 142 6.11 -19.13 -23.85
CA ASN A 142 5.65 -18.29 -24.94
C ASN A 142 4.25 -17.73 -24.68
N GLU A 143 3.37 -18.49 -24.02
CA GLU A 143 2.07 -17.94 -23.65
C GLU A 143 2.24 -16.78 -22.67
N ARG A 144 3.10 -16.97 -21.66
CA ARG A 144 3.38 -15.89 -20.71
C ARG A 144 4.01 -14.69 -21.42
N LEU A 145 4.92 -14.95 -22.35
CA LEU A 145 5.52 -13.86 -23.11
C LEU A 145 4.48 -13.14 -23.93
N TRP A 146 3.57 -13.89 -24.55
CA TRP A 146 2.53 -13.25 -25.34
C TRP A 146 1.67 -12.34 -24.48
N ALA A 147 1.29 -12.81 -23.28
CA ALA A 147 0.49 -11.97 -22.40
C ALA A 147 1.25 -10.72 -21.99
N TRP A 148 2.49 -10.90 -21.53
CA TRP A 148 3.29 -9.77 -21.05
C TRP A 148 3.51 -8.74 -22.15
N GLU A 149 3.94 -9.21 -23.32
CA GLU A 149 4.23 -8.32 -24.44
C GLU A 149 2.96 -7.70 -24.99
N SER A 150 1.89 -8.48 -25.13
CA SER A 150 0.64 -7.94 -25.66
C SER A 150 0.10 -6.85 -24.75
N TRP A 151 0.15 -7.06 -23.43
CA TRP A 151 -0.31 -6.01 -22.54
C TRP A 151 0.52 -4.75 -22.74
N ARG A 152 1.85 -4.88 -22.73
CA ARG A 152 2.67 -3.67 -22.87
C ARG A 152 2.44 -3.01 -24.23
N SER A 153 2.34 -3.79 -25.30
CA SER A 153 2.17 -3.22 -26.63
C SER A 153 0.81 -2.55 -26.79
N GLU A 154 -0.26 -3.24 -26.39
CA GLU A 154 -1.61 -2.71 -26.58
C GLU A 154 -1.86 -1.49 -25.69
N VAL A 155 -1.49 -1.57 -24.41
CA VAL A 155 -1.84 -0.51 -23.47
C VAL A 155 -0.73 0.53 -23.36
N GLY A 156 0.51 0.12 -23.08
CA GLY A 156 1.57 1.08 -22.84
C GLY A 156 1.86 1.95 -24.04
N LYS A 157 1.74 1.41 -25.26
CA LYS A 157 1.97 2.22 -26.44
C LYS A 157 0.90 3.29 -26.58
N GLN A 158 -0.36 2.95 -26.28
CA GLN A 158 -1.39 3.98 -26.20
C GLN A 158 -1.00 5.05 -25.19
N LEU A 159 -0.46 4.63 -24.04
CA LEU A 159 -0.20 5.57 -22.96
C LEU A 159 1.01 6.47 -23.19
N ARG A 160 1.98 6.05 -24.00
CA ARG A 160 3.25 6.74 -24.11
C ARG A 160 3.13 8.24 -24.37
N PRO A 161 2.47 8.68 -25.44
CA PRO A 161 2.40 10.13 -25.71
C PRO A 161 1.62 10.89 -24.64
N LEU A 162 0.53 10.28 -24.16
CA LEU A 162 -0.21 10.86 -23.04
C LEU A 162 0.70 11.03 -21.83
N TYR A 163 1.51 10.03 -21.52
CA TYR A 163 2.38 10.12 -20.36
C TYR A 163 3.41 11.23 -20.52
N GLU A 164 3.93 11.41 -21.74
CA GLU A 164 4.85 12.52 -21.97
C GLU A 164 4.19 13.86 -21.64
N GLU A 165 3.00 14.10 -22.20
CA GLU A 165 2.33 15.37 -21.92
C GLU A 165 1.96 15.49 -20.44
N TYR A 166 1.63 14.36 -19.81
CA TYR A 166 1.31 14.35 -18.38
C TYR A 166 2.52 14.78 -17.55
N VAL A 167 3.71 14.31 -17.90
CA VAL A 167 4.90 14.76 -17.20
C VAL A 167 5.05 16.27 -17.34
N VAL A 168 4.90 16.77 -18.57
CA VAL A 168 5.07 18.21 -18.78
C VAL A 168 4.11 19.01 -17.89
N LEU A 169 2.82 18.63 -17.92
CA LEU A 169 1.83 19.43 -17.23
C LEU A 169 1.92 19.29 -15.72
N LYS A 170 2.20 18.09 -15.21
CA LYS A 170 2.38 17.92 -13.77
C LYS A 170 3.59 18.70 -13.29
N ASN A 171 4.67 18.72 -14.07
CA ASN A 171 5.84 19.51 -13.67
C ASN A 171 5.49 20.99 -13.61
N GLU A 172 4.75 21.50 -14.59
CA GLU A 172 4.33 22.90 -14.52
C GLU A 172 3.49 23.15 -13.28
N MET A 173 2.55 22.25 -12.98
CA MET A 173 1.72 22.39 -11.79
C MET A 173 2.58 22.45 -10.53
N ALA A 174 3.54 21.55 -10.41
CA ALA A 174 4.37 21.49 -9.20
C ALA A 174 5.24 22.73 -9.07
N ARG A 175 5.86 23.17 -10.17
CA ARG A 175 6.71 24.35 -10.10
C ARG A 175 5.90 25.60 -9.76
N ALA A 176 4.67 25.68 -10.27
CA ALA A 176 3.81 26.81 -9.92
C ALA A 176 3.43 26.81 -8.45
N ASN A 177 3.53 25.66 -7.77
CA ASN A 177 3.35 25.58 -6.33
C ASN A 177 4.68 25.61 -5.58
N HIS A 178 5.76 25.97 -6.28
CA HIS A 178 7.08 26.19 -5.67
C HIS A 178 7.73 24.90 -5.19
N TYR A 179 7.50 23.81 -5.92
CA TYR A 179 8.27 22.59 -5.79
C TYR A 179 9.23 22.50 -6.97
N GLU A 180 10.26 21.65 -6.84
CA GLU A 180 11.20 21.48 -7.94
C GLU A 180 10.52 20.82 -9.14
N ASP A 181 9.68 19.83 -8.89
CA ASP A 181 9.02 19.05 -9.94
C ASP A 181 7.96 18.20 -9.27
N TYR A 182 7.25 17.40 -10.07
CA TYR A 182 6.13 16.63 -9.55
C TYR A 182 6.59 15.57 -8.55
N GLY A 183 7.77 14.99 -8.74
CA GLY A 183 8.28 14.03 -7.77
C GLY A 183 8.56 14.68 -6.43
N ASP A 184 9.25 15.82 -6.44
CA ASP A 184 9.44 16.59 -5.22
C ASP A 184 8.10 16.91 -4.57
N TYR A 185 7.09 17.23 -5.39
CA TYR A 185 5.76 17.51 -4.89
C TYR A 185 5.18 16.30 -4.17
N TRP A 186 5.35 15.10 -4.73
CA TRP A 186 4.89 13.89 -4.05
C TRP A 186 5.64 13.65 -2.75
N ARG A 187 6.96 13.89 -2.75
CA ARG A 187 7.74 13.67 -1.55
C ARG A 187 7.43 14.68 -0.46
N GLY A 188 6.76 15.79 -0.82
CA GLY A 188 6.24 16.68 0.21
C GLY A 188 5.33 15.98 1.21
N ASP A 189 4.77 14.83 0.85
CA ASP A 189 3.89 14.08 1.74
C ASP A 189 4.62 13.52 2.95
N TYR A 190 5.95 13.55 2.99
CA TYR A 190 6.72 13.16 4.16
C TYR A 190 7.41 14.35 4.83
N GLU A 191 7.19 15.56 4.34
CA GLU A 191 7.94 16.72 4.81
C GLU A 191 7.49 17.13 6.22
N VAL A 192 8.45 17.61 7.02
CA VAL A 192 8.20 18.17 8.33
C VAL A 192 9.05 19.43 8.48
N ASN A 193 8.41 20.54 8.89
CA ASN A 193 9.10 21.79 9.15
C ASN A 193 8.65 22.35 10.50
N GLY A 194 9.53 23.18 11.08
CA GLY A 194 9.17 23.97 12.23
C GLY A 194 9.14 23.24 13.56
N VAL A 195 9.51 21.95 13.58
CA VAL A 195 9.54 21.16 14.80
C VAL A 195 10.99 20.74 15.01
N ASP A 196 11.68 21.45 15.89
CA ASP A 196 13.09 21.18 16.12
C ASP A 196 13.29 19.73 16.54
N GLY A 197 14.27 19.07 15.91
CA GLY A 197 14.58 17.69 16.23
C GLY A 197 13.72 16.66 15.54
N TYR A 198 12.65 17.07 14.86
CA TYR A 198 11.75 16.14 14.20
C TYR A 198 11.55 16.48 12.72
N ASP A 199 12.35 17.38 12.17
CA ASP A 199 12.17 17.82 10.81
C ASP A 199 12.54 16.73 9.81
N TYR A 200 11.98 16.84 8.61
CA TYR A 200 12.23 15.87 7.54
C TYR A 200 12.05 16.58 6.21
N SER A 201 13.11 16.64 5.42
CA SER A 201 13.06 17.32 4.13
C SER A 201 12.65 16.34 3.03
N ARG A 202 12.14 16.90 1.93
CA ARG A 202 11.66 16.09 0.82
C ARG A 202 12.79 15.32 0.16
N GLY A 203 14.00 15.89 0.12
CA GLY A 203 15.14 15.16 -0.42
C GLY A 203 15.60 14.04 0.49
N GLN A 204 15.34 14.16 1.79
CA GLN A 204 15.79 13.13 2.73
C GLN A 204 15.13 11.79 2.45
N LEU A 205 13.90 11.79 1.92
CA LEU A 205 13.23 10.54 1.63
C LEU A 205 14.02 9.73 0.61
N ILE A 206 14.57 10.38 -0.41
CA ILE A 206 15.37 9.69 -1.40
C ILE A 206 16.56 9.01 -0.73
N GLU A 207 17.27 9.76 0.13
CA GLU A 207 18.44 9.21 0.80
C GLU A 207 18.06 8.02 1.67
N ASP A 208 16.98 8.13 2.44
CA ASP A 208 16.64 7.06 3.37
C ASP A 208 16.16 5.82 2.63
N VAL A 209 15.38 6.00 1.56
CA VAL A 209 14.95 4.86 0.76
C VAL A 209 16.18 4.16 0.19
N GLU A 210 17.13 4.93 -0.35
CA GLU A 210 18.32 4.32 -0.95
C GLU A 210 19.17 3.60 0.10
N HIS A 211 19.33 4.18 1.30
CA HIS A 211 20.15 3.56 2.32
C HIS A 211 19.52 2.26 2.83
N THR A 212 18.22 2.30 3.15
CA THR A 212 17.56 1.08 3.59
C THR A 212 17.55 0.02 2.49
N PHE A 213 17.43 0.44 1.23
CA PHE A 213 17.49 -0.53 0.14
C PHE A 213 18.86 -1.18 0.07
N GLU A 214 19.92 -0.39 0.22
CA GLU A 214 21.26 -0.97 0.29
C GLU A 214 21.31 -2.03 1.38
N GLU A 215 20.71 -1.74 2.53
CA GLU A 215 20.76 -2.72 3.63
C GLU A 215 19.98 -3.99 3.31
N ILE A 216 18.87 -3.89 2.58
CA ILE A 216 18.14 -5.11 2.25
C ILE A 216 18.69 -5.83 1.03
N LYS A 217 19.62 -5.22 0.31
CA LYS A 217 20.16 -5.86 -0.89
C LYS A 217 20.68 -7.28 -0.66
N PRO A 218 21.40 -7.60 0.41
CA PRO A 218 21.86 -9.00 0.59
C PRO A 218 20.72 -10.01 0.70
N LEU A 219 19.73 -9.73 1.55
CA LEU A 219 18.59 -10.65 1.66
C LEU A 219 17.91 -10.83 0.31
N TYR A 220 17.71 -9.73 -0.42
CA TYR A 220 17.03 -9.83 -1.71
C TYR A 220 17.86 -10.62 -2.70
N GLU A 221 19.19 -10.44 -2.68
CA GLU A 221 20.03 -11.20 -3.60
C GLU A 221 19.96 -12.69 -3.31
N HIS A 222 19.95 -13.06 -2.03
CA HIS A 222 19.86 -14.49 -1.70
C HIS A 222 18.49 -15.06 -2.06
N LEU A 223 17.41 -14.31 -1.78
CA LEU A 223 16.08 -14.73 -2.21
C LEU A 223 16.02 -14.88 -3.72
N HIS A 224 16.59 -13.91 -4.44
CA HIS A 224 16.61 -13.91 -5.88
C HIS A 224 17.37 -15.10 -6.43
N ALA A 225 18.51 -15.43 -5.85
CA ALA A 225 19.29 -16.59 -6.31
C ALA A 225 18.53 -17.89 -6.07
N TYR A 226 17.90 -18.03 -4.90
CA TYR A 226 17.12 -19.24 -4.64
C TYR A 226 15.97 -19.36 -5.64
N VAL A 227 15.25 -18.27 -5.87
CA VAL A 227 14.12 -18.30 -6.79
C VAL A 227 14.60 -18.57 -8.20
N ARG A 228 15.74 -18.00 -8.59
CA ARG A 228 16.29 -18.24 -9.92
C ARG A 228 16.60 -19.71 -10.12
N ALA A 229 17.20 -20.35 -9.10
CA ALA A 229 17.50 -21.77 -9.21
C ALA A 229 16.22 -22.58 -9.38
N LYS A 230 15.18 -22.24 -8.61
CA LYS A 230 13.90 -22.95 -8.76
C LYS A 230 13.30 -22.73 -10.15
N LEU A 231 13.40 -21.50 -10.66
CA LEU A 231 12.78 -21.17 -11.95
C LEU A 231 13.48 -21.87 -13.09
N MET A 232 14.80 -22.09 -12.98
CA MET A 232 15.50 -22.83 -14.01
C MET A 232 14.93 -24.25 -14.13
N ASN A 233 14.52 -24.84 -13.01
CA ASN A 233 13.81 -26.11 -13.07
C ASN A 233 12.41 -25.94 -13.67
N ALA A 234 11.77 -24.80 -13.38
CA ALA A 234 10.40 -24.61 -13.88
C ALA A 234 10.36 -24.25 -15.36
N TYR A 235 11.36 -23.54 -15.87
CA TYR A 235 11.41 -23.10 -17.27
C TYR A 235 12.76 -23.46 -17.87
N PRO A 236 13.02 -24.74 -18.07
CA PRO A 236 14.38 -25.16 -18.46
C PRO A 236 14.83 -24.51 -19.76
N SER A 237 16.10 -24.13 -19.79
CA SER A 237 16.83 -23.58 -20.92
C SER A 237 16.55 -22.09 -21.13
N TYR A 238 15.69 -21.47 -20.33
CA TYR A 238 15.30 -20.09 -20.55
C TYR A 238 15.92 -19.10 -19.58
N ILE A 239 16.62 -19.58 -18.55
CA ILE A 239 17.13 -18.73 -17.49
C ILE A 239 18.62 -19.00 -17.31
N SER A 240 19.42 -17.94 -17.37
CA SER A 240 20.85 -18.05 -17.17
C SER A 240 21.17 -18.19 -15.68
N PRO A 241 22.17 -19.01 -15.32
CA PRO A 241 22.55 -19.11 -13.90
C PRO A 241 23.12 -17.83 -13.32
N ILE A 242 23.64 -16.92 -14.15
CA ILE A 242 24.23 -15.67 -13.67
C ILE A 242 23.37 -14.46 -13.99
N GLY A 243 22.21 -14.65 -14.62
CA GLY A 243 21.49 -13.55 -15.22
C GLY A 243 20.27 -13.10 -14.43
N CYS A 244 19.68 -12.01 -14.91
CA CYS A 244 18.44 -11.51 -14.34
C CYS A 244 17.28 -12.46 -14.66
N LEU A 245 16.23 -12.34 -13.86
CA LEU A 245 15.02 -13.11 -14.12
C LEU A 245 14.20 -12.46 -15.23
N PRO A 246 13.82 -13.21 -16.26
CA PRO A 246 12.96 -12.62 -17.30
C PRO A 246 11.69 -12.06 -16.70
N ALA A 247 11.28 -10.87 -17.17
CA ALA A 247 10.23 -10.12 -16.50
C ALA A 247 8.87 -10.80 -16.56
N HIS A 248 8.66 -11.75 -17.47
CA HIS A 248 7.35 -12.35 -17.66
C HIS A 248 7.18 -13.67 -16.91
N LEU A 249 8.12 -14.04 -16.04
CA LEU A 249 8.07 -15.30 -15.32
C LEU A 249 7.92 -15.11 -13.81
N LEU A 250 7.39 -13.97 -13.36
CA LEU A 250 7.46 -13.60 -11.95
C LEU A 250 6.14 -13.73 -11.21
N GLY A 251 5.10 -14.30 -11.83
CA GLY A 251 3.88 -14.64 -11.14
C GLY A 251 2.75 -13.64 -11.27
N ASP A 252 3.03 -12.40 -11.70
CA ASP A 252 1.99 -11.45 -12.08
C ASP A 252 2.50 -10.63 -13.26
N MET A 253 1.66 -9.70 -13.72
CA MET A 253 1.89 -9.02 -14.98
C MET A 253 3.15 -8.15 -14.99
N TRP A 254 3.65 -7.78 -13.81
CA TRP A 254 4.80 -6.89 -13.71
C TRP A 254 5.92 -7.45 -12.86
N GLY A 255 5.69 -8.50 -12.09
CA GLY A 255 6.60 -8.87 -11.03
C GLY A 255 6.51 -7.98 -9.82
N ARG A 256 5.36 -7.34 -9.60
CA ARG A 256 5.20 -6.47 -8.43
C ARG A 256 5.39 -7.28 -7.15
N PHE A 257 4.75 -8.45 -7.08
CA PHE A 257 4.96 -9.41 -6.01
C PHE A 257 5.38 -10.73 -6.63
N TRP A 258 6.17 -11.51 -5.89
CA TRP A 258 6.54 -12.86 -6.31
C TRP A 258 5.63 -13.91 -5.67
N THR A 259 4.45 -13.49 -5.23
CA THR A 259 3.56 -14.37 -4.46
C THR A 259 3.30 -15.68 -5.18
N ASN A 260 2.87 -15.60 -6.42
CA ASN A 260 2.46 -16.78 -7.19
C ASN A 260 3.62 -17.62 -7.64
N LEU A 261 4.83 -17.33 -7.18
CA LEU A 261 5.96 -18.22 -7.37
C LEU A 261 6.08 -19.24 -6.23
N TYR A 262 5.23 -19.13 -5.19
CA TYR A 262 5.40 -19.98 -4.02
C TYR A 262 5.42 -21.46 -4.40
N SER A 263 4.40 -21.90 -5.15
CA SER A 263 4.31 -23.32 -5.50
C SER A 263 5.44 -23.77 -6.43
N LEU A 264 6.17 -22.84 -7.03
CA LEU A 264 7.35 -23.18 -7.82
C LEU A 264 8.64 -23.11 -7.01
N THR A 265 8.58 -22.59 -5.78
CA THR A 265 9.77 -22.39 -4.97
C THR A 265 9.63 -22.93 -3.55
N VAL A 266 8.50 -23.55 -3.21
CA VAL A 266 8.28 -23.90 -1.80
C VAL A 266 9.41 -24.82 -1.34
N PRO A 267 10.10 -24.50 -0.26
CA PRO A 267 11.23 -25.37 0.15
C PRO A 267 10.82 -26.80 0.46
N PHE A 268 9.80 -26.98 1.29
CA PHE A 268 9.39 -28.30 1.78
C PHE A 268 7.92 -28.50 1.44
N GLY A 269 7.66 -28.97 0.23
CA GLY A 269 6.30 -29.11 -0.27
C GLY A 269 5.51 -30.23 0.34
N GLN A 270 6.16 -31.16 1.05
CA GLN A 270 5.41 -32.21 1.74
C GLN A 270 4.83 -31.72 3.05
N LYS A 271 5.24 -30.54 3.53
CA LYS A 271 4.65 -29.94 4.72
C LYS A 271 3.61 -28.92 4.29
N PRO A 272 2.32 -29.05 4.70
CA PRO A 272 1.37 -28.01 4.33
C PRO A 272 1.52 -26.84 5.30
N ASN A 273 1.03 -25.68 4.88
CA ASN A 273 1.10 -24.54 5.76
C ASN A 273 -0.15 -24.48 6.65
N ILE A 274 -0.01 -23.77 7.76
CA ILE A 274 -1.07 -23.77 8.77
C ILE A 274 -2.32 -23.14 8.18
N ASP A 275 -3.40 -23.90 8.14
CA ASP A 275 -4.71 -23.44 7.70
C ASP A 275 -5.74 -23.92 8.70
N VAL A 276 -6.37 -22.99 9.42
CA VAL A 276 -7.34 -23.33 10.45
C VAL A 276 -8.77 -23.13 9.96
N THR A 277 -8.96 -23.02 8.64
CA THR A 277 -10.31 -22.96 8.08
C THR A 277 -11.14 -24.16 8.53
N ASP A 278 -10.59 -25.37 8.37
CA ASP A 278 -11.33 -26.57 8.72
C ASP A 278 -11.64 -26.62 10.21
N ALA A 279 -10.71 -26.17 11.05
CA ALA A 279 -11.00 -26.10 12.48
C ALA A 279 -12.12 -25.11 12.76
N MET A 280 -12.14 -23.98 12.04
CA MET A 280 -13.19 -22.99 12.25
C MET A 280 -14.56 -23.56 11.90
N VAL A 281 -14.65 -24.24 10.76
CA VAL A 281 -15.94 -24.83 10.38
C VAL A 281 -16.34 -25.93 11.36
N ASP A 282 -15.37 -26.74 11.80
CA ASP A 282 -15.67 -27.81 12.74
C ASP A 282 -16.26 -27.26 14.04
N GLN A 283 -15.76 -26.11 14.49
CA GLN A 283 -16.28 -25.45 15.68
C GLN A 283 -17.45 -24.52 15.36
N ALA A 284 -18.02 -24.63 14.16
CA ALA A 284 -19.25 -23.92 13.80
C ALA A 284 -19.12 -22.41 14.01
N TRP A 285 -18.00 -21.86 13.56
CA TRP A 285 -17.82 -20.42 13.62
C TRP A 285 -18.68 -19.74 12.56
N ASP A 286 -18.99 -18.47 12.82
CA ASP A 286 -19.71 -17.61 11.89
C ASP A 286 -19.01 -16.25 11.88
N ALA A 287 -19.41 -15.40 10.92
CA ALA A 287 -18.77 -14.09 10.79
C ALA A 287 -18.75 -13.35 12.12
N GLN A 288 -19.87 -13.37 12.85
CA GLN A 288 -19.93 -12.71 14.15
C GLN A 288 -18.86 -13.25 15.08
N ARG A 289 -18.64 -14.56 15.07
CA ARG A 289 -17.61 -15.14 15.91
C ARG A 289 -16.23 -14.59 15.55
N ILE A 290 -15.94 -14.48 14.25
CA ILE A 290 -14.66 -13.95 13.81
C ILE A 290 -14.46 -12.55 14.37
N PHE A 291 -15.46 -11.69 14.20
CA PHE A 291 -15.27 -10.30 14.60
C PHE A 291 -15.25 -10.14 16.11
N LYS A 292 -15.96 -11.01 16.83
CA LYS A 292 -15.88 -10.98 18.28
C LYS A 292 -14.49 -11.40 18.76
N GLU A 293 -13.88 -12.40 18.10
CA GLU A 293 -12.52 -12.77 18.45
C GLU A 293 -11.55 -11.62 18.17
N ALA A 294 -11.74 -10.93 17.03
CA ALA A 294 -10.90 -9.76 16.75
C ALA A 294 -11.06 -8.69 17.82
N GLU A 295 -12.29 -8.43 18.23
CA GLU A 295 -12.54 -7.46 19.29
C GLU A 295 -11.85 -7.87 20.59
N LYS A 296 -11.93 -9.17 20.92
CA LYS A 296 -11.22 -9.66 22.10
C LYS A 296 -9.73 -9.42 21.98
N PHE A 297 -9.16 -9.65 20.79
CA PHE A 297 -7.74 -9.42 20.60
C PHE A 297 -7.37 -7.98 20.90
N PHE A 298 -8.17 -7.03 20.40
CA PHE A 298 -7.85 -5.63 20.62
C PHE A 298 -8.05 -5.24 22.09
N VAL A 299 -9.09 -5.78 22.73
CA VAL A 299 -9.28 -5.50 24.15
C VAL A 299 -8.11 -6.03 24.98
N SER A 300 -7.54 -7.16 24.56
CA SER A 300 -6.51 -7.81 25.36
C SER A 300 -5.26 -6.97 25.51
N VAL A 301 -5.02 -6.01 24.61
CA VAL A 301 -3.89 -5.10 24.73
C VAL A 301 -4.31 -3.77 25.36
N GLY A 302 -5.56 -3.66 25.80
CA GLY A 302 -6.04 -2.48 26.47
C GLY A 302 -6.81 -1.50 25.62
N LEU A 303 -7.01 -1.81 24.34
CA LEU A 303 -7.78 -0.93 23.48
C LEU A 303 -9.27 -1.13 23.71
N PRO A 304 -10.09 -0.16 23.33
CA PRO A 304 -11.54 -0.31 23.53
C PRO A 304 -12.11 -1.42 22.66
N ASN A 305 -13.22 -2.00 23.13
CA ASN A 305 -13.99 -2.86 22.27
C ASN A 305 -14.90 -2.02 21.38
N MET A 306 -15.43 -2.65 20.33
CA MET A 306 -16.17 -1.92 19.31
CA MET A 306 -16.17 -1.92 19.31
C MET A 306 -17.43 -1.29 19.90
N THR A 307 -17.84 -0.18 19.28
CA THR A 307 -19.02 0.54 19.73
C THR A 307 -20.28 -0.28 19.45
N GLN A 308 -21.35 0.07 20.18
CA GLN A 308 -22.65 -0.54 19.91
C GLN A 308 -23.11 -0.22 18.50
N GLY A 309 -22.87 1.01 18.06
CA GLY A 309 -23.21 1.38 16.69
C GLY A 309 -22.47 0.56 15.66
N PHE A 310 -21.21 0.20 15.94
CA PHE A 310 -20.48 -0.67 15.04
C PHE A 310 -21.18 -2.02 14.88
N TRP A 311 -21.55 -2.62 16.01
CA TRP A 311 -22.19 -3.93 15.96
C TRP A 311 -23.57 -3.85 15.32
N GLU A 312 -24.27 -2.73 15.48
CA GLU A 312 -25.56 -2.56 14.83
C GLU A 312 -25.41 -2.40 13.32
N ASN A 313 -24.50 -1.51 12.90
CA ASN A 313 -24.53 -0.93 11.57
C ASN A 313 -23.60 -1.62 10.59
N SER A 314 -22.64 -2.40 11.06
CA SER A 314 -21.70 -3.05 10.16
C SER A 314 -22.39 -4.16 9.37
N MET A 315 -21.93 -4.34 8.13
CA MET A 315 -22.35 -5.46 7.29
C MET A 315 -21.21 -6.47 7.30
N LEU A 316 -21.28 -7.41 8.24
CA LEU A 316 -20.30 -8.48 8.35
C LEU A 316 -20.69 -9.73 7.56
N THR A 317 -21.90 -9.76 7.00
CA THR A 317 -22.41 -10.88 6.25
C THR A 317 -22.85 -10.39 4.88
N ASP A 318 -22.88 -11.30 3.91
CA ASP A 318 -23.24 -10.91 2.55
C ASP A 318 -24.76 -10.89 2.40
N PRO A 319 -25.35 -9.78 1.92
CA PRO A 319 -26.80 -9.74 1.69
C PRO A 319 -27.31 -10.86 0.79
N ALA A 325 -24.22 -5.72 -3.08
CA ALA A 325 -23.26 -4.99 -2.27
C ALA A 325 -21.85 -5.16 -2.81
N VAL A 326 -21.05 -4.09 -2.72
CA VAL A 326 -19.63 -4.18 -3.01
C VAL A 326 -18.94 -4.85 -1.83
N CYS A 327 -18.28 -5.97 -2.09
CA CYS A 327 -17.78 -6.85 -1.03
C CYS A 327 -16.31 -6.62 -0.70
N HIS A 328 -15.71 -5.51 -1.16
CA HIS A 328 -14.35 -5.21 -0.75
C HIS A 328 -14.32 -5.03 0.77
N PRO A 329 -13.39 -5.67 1.48
CA PRO A 329 -13.26 -5.40 2.93
C PRO A 329 -12.83 -3.96 3.15
N THR A 330 -13.61 -3.22 3.93
CA THR A 330 -13.30 -1.81 4.15
C THR A 330 -13.72 -1.38 5.55
N ALA A 331 -12.95 -0.45 6.11
CA ALA A 331 -13.22 0.18 7.40
C ALA A 331 -13.71 1.60 7.15
N TRP A 332 -14.91 1.91 7.63
CA TRP A 332 -15.53 3.21 7.44
C TRP A 332 -15.52 3.98 8.75
N ASP A 333 -14.97 5.19 8.70
CA ASP A 333 -14.94 6.13 9.82
C ASP A 333 -15.80 7.32 9.38
N LEU A 334 -17.10 7.26 9.69
CA LEU A 334 -18.04 8.24 9.15
C LEU A 334 -18.10 9.53 9.96
N GLY A 335 -17.50 9.55 11.15
CA GLY A 335 -17.62 10.67 12.04
C GLY A 335 -18.82 10.53 12.97
N LYS A 336 -18.86 11.40 13.98
CA LYS A 336 -19.96 11.44 14.93
C LYS A 336 -20.12 10.11 15.65
N GLY A 337 -18.99 9.47 15.97
CA GLY A 337 -19.03 8.21 16.69
C GLY A 337 -19.45 7.02 15.86
N ASP A 338 -19.57 7.19 14.54
CA ASP A 338 -20.06 6.13 13.66
C ASP A 338 -18.87 5.45 13.00
N PHE A 339 -18.67 4.17 13.35
CA PHE A 339 -17.62 3.33 12.81
C PHE A 339 -18.27 2.06 12.29
N ARG A 340 -17.90 1.65 11.08
CA ARG A 340 -18.48 0.46 10.48
C ARG A 340 -17.39 -0.32 9.77
N ILE A 341 -17.64 -1.62 9.57
CA ILE A 341 -16.82 -2.46 8.70
C ILE A 341 -17.74 -3.09 7.68
N LEU A 342 -17.34 -3.03 6.42
CA LEU A 342 -18.07 -3.69 5.33
C LEU A 342 -17.23 -4.86 4.88
N MET A 343 -17.76 -6.07 5.11
CA MET A 343 -17.06 -7.29 4.74
C MET A 343 -18.05 -8.42 4.52
N CYS A 344 -17.96 -9.05 3.35
CA CYS A 344 -18.74 -10.24 3.05
C CYS A 344 -17.99 -11.46 3.60
N THR A 345 -17.92 -11.52 4.92
CA THR A 345 -17.06 -12.47 5.60
C THR A 345 -17.45 -13.91 5.27
N LYS A 346 -16.44 -14.73 5.00
CA LYS A 346 -16.56 -16.17 4.91
C LYS A 346 -15.82 -16.78 6.09
N VAL A 347 -16.19 -17.99 6.46
CA VAL A 347 -15.53 -18.68 7.58
C VAL A 347 -14.30 -19.35 6.98
N THR A 348 -13.24 -18.55 6.84
CA THR A 348 -11.97 -19.00 6.32
C THR A 348 -10.85 -18.24 7.03
N MET A 349 -9.67 -18.85 7.09
CA MET A 349 -8.57 -18.25 7.83
C MET A 349 -8.24 -16.87 7.30
N ASP A 350 -8.27 -16.71 5.97
CA ASP A 350 -7.96 -15.41 5.37
C ASP A 350 -8.92 -14.33 5.85
N ASP A 351 -10.21 -14.63 5.93
CA ASP A 351 -11.18 -13.62 6.34
C ASP A 351 -11.07 -13.33 7.82
N PHE A 352 -10.66 -14.31 8.63
CA PHE A 352 -10.33 -14.06 10.04
C PHE A 352 -9.21 -13.05 10.16
N LEU A 353 -8.11 -13.28 9.44
CA LEU A 353 -6.99 -12.35 9.47
C LEU A 353 -7.39 -10.98 8.93
N THR A 354 -8.19 -10.97 7.86
CA THR A 354 -8.63 -9.70 7.27
C THR A 354 -9.54 -8.94 8.21
N ALA A 355 -10.36 -9.64 9.00
CA ALA A 355 -11.15 -9.00 10.03
C ALA A 355 -10.24 -8.32 11.04
N HIS A 356 -9.17 -9.00 11.46
CA HIS A 356 -8.24 -8.34 12.38
C HIS A 356 -7.65 -7.09 11.74
N HIS A 357 -7.32 -7.15 10.45
CA HIS A 357 -6.74 -6.00 9.74
C HIS A 357 -7.70 -4.82 9.69
N GLU A 358 -8.94 -5.07 9.27
CA GLU A 358 -9.91 -3.99 9.15
C GLU A 358 -10.26 -3.40 10.51
N MET A 359 -10.39 -4.25 11.53
CA MET A 359 -10.64 -3.71 12.86
C MET A 359 -9.43 -2.95 13.38
N GLY A 360 -8.23 -3.26 12.92
CA GLY A 360 -7.10 -2.41 13.22
C GLY A 360 -7.26 -1.03 12.63
N HIS A 361 -7.72 -0.95 11.38
CA HIS A 361 -8.06 0.35 10.81
C HIS A 361 -9.05 1.08 11.71
N ILE A 362 -10.12 0.39 12.11
CA ILE A 362 -11.16 1.04 12.92
C ILE A 362 -10.59 1.50 14.26
N GLN A 363 -9.74 0.68 14.86
CA GLN A 363 -9.13 1.02 16.14
C GLN A 363 -8.31 2.31 16.02
N TYR A 364 -7.50 2.40 14.96
CA TYR A 364 -6.79 3.64 14.67
C TYR A 364 -7.77 4.81 14.56
N ASP A 365 -8.85 4.63 13.80
CA ASP A 365 -9.81 5.71 13.61
C ASP A 365 -10.40 6.17 14.95
N MET A 366 -10.77 5.22 15.80
CA MET A 366 -11.35 5.57 17.09
C MET A 366 -10.33 6.31 17.95
N ALA A 367 -9.06 5.94 17.85
CA ALA A 367 -8.05 6.53 18.73
C ALA A 367 -7.92 8.04 18.49
N TYR A 368 -7.97 8.49 17.23
CA TYR A 368 -7.77 9.89 16.92
C TYR A 368 -9.07 10.64 16.63
N ALA A 369 -10.22 10.07 17.00
CA ALA A 369 -11.50 10.71 16.71
C ALA A 369 -11.59 12.09 17.36
N ALA A 370 -10.97 12.28 18.51
CA ALA A 370 -11.08 13.54 19.23
C ALA A 370 -10.28 14.67 18.59
N GLN A 371 -9.46 14.37 17.59
CA GLN A 371 -8.67 15.40 16.94
C GLN A 371 -9.54 16.30 16.08
N PRO A 372 -9.06 17.50 15.76
CA PRO A 372 -9.75 18.32 14.74
C PRO A 372 -9.97 17.50 13.48
N PHE A 373 -10.99 17.90 12.71
CA PHE A 373 -11.38 17.16 11.53
C PHE A 373 -10.18 16.81 10.66
N LEU A 374 -9.43 17.82 10.24
CA LEU A 374 -8.35 17.61 9.28
C LEU A 374 -7.20 16.78 9.84
N LEU A 375 -7.09 16.65 11.15
CA LEU A 375 -6.03 15.86 11.75
C LEU A 375 -6.48 14.43 12.05
N ARG A 376 -7.69 14.05 11.64
CA ARG A 376 -8.19 12.69 11.82
C ARG A 376 -7.74 11.84 10.63
N ASN A 377 -6.44 11.59 10.60
CA ASN A 377 -5.81 10.85 9.52
C ASN A 377 -4.56 10.18 10.08
N GLY A 378 -4.00 9.25 9.30
CA GLY A 378 -2.73 8.66 9.67
C GLY A 378 -1.61 9.67 9.65
N ALA A 379 -0.55 9.38 10.42
CA ALA A 379 0.53 10.33 10.57
C ALA A 379 1.17 10.66 9.22
N ASN A 380 1.33 9.65 8.37
CA ASN A 380 1.62 9.88 6.95
C ASN A 380 0.96 8.74 6.17
N GLU A 381 1.17 8.74 4.85
CA GLU A 381 0.46 7.82 3.98
C GLU A 381 0.75 6.36 4.29
N GLY A 382 1.85 6.04 4.98
CA GLY A 382 2.17 4.66 5.27
C GLY A 382 1.68 4.11 6.59
N PHE A 383 1.14 4.94 7.47
CA PHE A 383 0.87 4.50 8.85
C PHE A 383 -0.33 3.57 8.92
N HIS A 384 -1.42 3.90 8.23
CA HIS A 384 -2.67 3.20 8.46
C HIS A 384 -2.59 1.73 8.05
N GLU A 385 -2.05 1.45 6.86
CA GLU A 385 -1.94 0.06 6.43
C GLU A 385 -0.92 -0.71 7.26
N ALA A 386 0.14 -0.06 7.74
CA ALA A 386 1.07 -0.74 8.64
C ALA A 386 0.37 -1.17 9.93
N VAL A 387 -0.43 -0.27 10.50
CA VAL A 387 -1.23 -0.61 11.67
C VAL A 387 -2.11 -1.80 11.38
N GLY A 388 -2.75 -1.80 10.22
CA GLY A 388 -3.57 -2.95 9.84
C GLY A 388 -2.78 -4.24 9.75
N GLU A 389 -1.59 -4.18 9.14
CA GLU A 389 -0.83 -5.40 8.87
C GLU A 389 -0.36 -6.08 10.15
N ILE A 390 0.08 -5.30 11.14
CA ILE A 390 0.64 -5.96 12.33
C ILE A 390 -0.43 -6.81 13.03
N MET A 391 -1.71 -6.41 12.89
CA MET A 391 -2.79 -7.18 13.50
C MET A 391 -2.87 -8.58 12.90
N SER A 392 -2.79 -8.66 11.56
CA SER A 392 -2.74 -9.97 10.91
C SER A 392 -1.53 -10.76 11.36
N LEU A 393 -0.38 -10.08 11.46
CA LEU A 393 0.84 -10.77 11.90
C LEU A 393 0.59 -11.48 13.23
N SER A 394 0.07 -10.76 14.22
CA SER A 394 -0.17 -11.38 15.52
C SER A 394 -1.24 -12.46 15.43
N ALA A 395 -2.32 -12.21 14.66
CA ALA A 395 -3.44 -13.14 14.66
C ALA A 395 -3.12 -14.46 13.98
N ALA A 396 -2.15 -14.49 13.07
CA ALA A 396 -1.85 -15.73 12.36
C ALA A 396 -0.81 -16.60 13.04
N THR A 397 -0.15 -16.12 14.09
CA THR A 397 0.90 -16.91 14.70
C THR A 397 0.33 -18.19 15.32
N PRO A 398 1.10 -19.28 15.31
CA PRO A 398 0.60 -20.51 15.95
C PRO A 398 0.23 -20.31 17.42
N LYS A 399 0.99 -19.49 18.15
CA LYS A 399 0.67 -19.22 19.55
C LYS A 399 -0.73 -18.63 19.69
N HIS A 400 -1.03 -17.61 18.89
CA HIS A 400 -2.36 -17.00 18.94
C HIS A 400 -3.44 -18.00 18.58
N LEU A 401 -3.22 -18.77 17.51
CA LEU A 401 -4.23 -19.74 17.09
C LEU A 401 -4.46 -20.81 18.14
N LYS A 402 -3.42 -21.16 18.88
CA LYS A 402 -3.59 -22.08 20.01
C LYS A 402 -4.45 -21.45 21.10
N SER A 403 -4.24 -20.16 21.38
CA SER A 403 -5.01 -19.53 22.45
C SER A 403 -6.50 -19.55 22.18
N ILE A 404 -6.91 -19.30 20.94
CA ILE A 404 -8.33 -19.22 20.63
C ILE A 404 -8.87 -20.60 20.29
N GLY A 405 -8.08 -21.64 20.55
CA GLY A 405 -8.56 -22.99 20.40
C GLY A 405 -8.77 -23.44 18.97
N LEU A 406 -8.18 -22.75 18.01
CA LEU A 406 -8.20 -23.15 16.61
C LEU A 406 -7.03 -24.06 16.26
N LEU A 407 -6.12 -24.27 17.21
CA LEU A 407 -4.96 -25.15 17.03
C LEU A 407 -4.80 -25.97 18.29
N SER A 408 -4.22 -27.17 18.14
CA SER A 408 -4.09 -28.07 19.27
C SER A 408 -3.09 -27.50 20.29
N PRO A 409 -3.33 -27.72 21.59
CA PRO A 409 -2.35 -27.24 22.59
C PRO A 409 -0.96 -27.83 22.40
N ASP A 410 -0.87 -29.08 21.93
CA ASP A 410 0.42 -29.71 21.73
C ASP A 410 1.03 -29.38 20.37
N PHE A 411 0.33 -28.62 19.52
CA PHE A 411 0.88 -28.24 18.24
C PHE A 411 2.22 -27.55 18.42
N GLN A 412 3.21 -28.00 17.65
CA GLN A 412 4.53 -27.37 17.62
C GLN A 412 4.95 -27.23 16.16
N GLU A 413 5.29 -26.01 15.76
CA GLU A 413 5.69 -25.74 14.39
C GLU A 413 7.12 -26.23 14.18
N ASP A 414 7.30 -27.15 13.23
CA ASP A 414 8.64 -27.62 12.94
C ASP A 414 9.36 -26.62 12.04
N ASN A 415 10.68 -26.76 11.96
CA ASN A 415 11.49 -25.75 11.30
C ASN A 415 11.23 -25.70 9.79
N GLU A 416 10.85 -26.83 9.19
CA GLU A 416 10.52 -26.82 7.76
C GLU A 416 9.28 -25.99 7.48
N THR A 417 8.24 -26.14 8.31
CA THR A 417 7.05 -25.32 8.18
C THR A 417 7.38 -23.84 8.38
N GLU A 418 8.22 -23.55 9.37
CA GLU A 418 8.64 -22.18 9.62
C GLU A 418 9.33 -21.57 8.40
N ILE A 419 10.23 -22.33 7.78
CA ILE A 419 10.94 -21.83 6.61
C ILE A 419 9.95 -21.63 5.45
N ASN A 420 9.03 -22.57 5.25
CA ASN A 420 8.03 -22.38 4.19
C ASN A 420 7.27 -21.07 4.40
N PHE A 421 6.81 -20.83 5.63
CA PHE A 421 6.02 -19.64 5.91
C PHE A 421 6.84 -18.37 5.67
N LEU A 422 8.09 -18.35 6.13
CA LEU A 422 8.90 -17.15 5.95
C LEU A 422 9.24 -16.93 4.48
N LEU A 423 9.44 -18.01 3.71
CA LEU A 423 9.68 -17.86 2.28
C LEU A 423 8.46 -17.28 1.57
N LYS A 424 7.27 -17.77 1.92
CA LYS A 424 6.05 -17.22 1.33
C LYS A 424 5.88 -15.75 1.71
N GLN A 425 6.21 -15.41 2.96
CA GLN A 425 6.17 -14.01 3.37
C GLN A 425 7.15 -13.18 2.56
N ALA A 426 8.36 -13.69 2.34
CA ALA A 426 9.39 -12.93 1.64
C ALA A 426 9.03 -12.71 0.18
N LEU A 427 8.42 -13.71 -0.47
CA LEU A 427 8.08 -13.55 -1.88
C LEU A 427 7.17 -12.35 -2.11
N THR A 428 6.27 -12.08 -1.18
CA THR A 428 5.39 -10.93 -1.29
C THR A 428 6.05 -9.66 -0.74
N ILE A 429 6.59 -9.75 0.48
CA ILE A 429 7.00 -8.57 1.22
C ILE A 429 8.37 -8.09 0.76
N VAL A 430 9.34 -8.99 0.66
CA VAL A 430 10.68 -8.61 0.25
C VAL A 430 10.75 -8.44 -1.26
N GLY A 431 10.04 -9.30 -2.01
CA GLY A 431 10.10 -9.21 -3.46
C GLY A 431 9.62 -7.87 -4.00
N THR A 432 8.63 -7.27 -3.35
CA THR A 432 8.07 -6.03 -3.86
C THR A 432 8.91 -4.80 -3.53
N LEU A 433 9.86 -4.90 -2.60
CA LEU A 433 10.60 -3.69 -2.21
C LEU A 433 11.53 -3.20 -3.33
N PRO A 434 12.37 -4.03 -3.94
CA PRO A 434 13.16 -3.53 -5.09
C PRO A 434 12.28 -3.03 -6.22
N PHE A 435 11.18 -3.74 -6.50
CA PHE A 435 10.25 -3.31 -7.53
C PHE A 435 9.72 -1.91 -7.25
N THR A 436 9.26 -1.69 -6.02
CA THR A 436 8.63 -0.42 -5.65
C THR A 436 9.64 0.71 -5.66
N TYR A 437 10.80 0.48 -5.04
CA TYR A 437 11.86 1.47 -5.03
C TYR A 437 12.26 1.85 -6.45
N MET A 438 12.51 0.86 -7.31
CA MET A 438 12.99 1.16 -8.65
C MET A 438 11.93 1.88 -9.47
N LEU A 439 10.66 1.48 -9.36
CA LEU A 439 9.63 2.17 -10.13
C LEU A 439 9.53 3.63 -9.71
N GLU A 440 9.45 3.88 -8.39
CA GLU A 440 9.36 5.27 -7.96
C GLU A 440 10.63 6.05 -8.29
N LYS A 441 11.79 5.39 -8.24
CA LYS A 441 13.03 6.10 -8.61
C LYS A 441 12.99 6.52 -10.07
N TRP A 442 12.49 5.65 -10.95
CA TRP A 442 12.37 6.02 -12.35
C TRP A 442 11.44 7.22 -12.51
N ARG A 443 10.29 7.19 -11.84
CA ARG A 443 9.38 8.33 -11.97
C ARG A 443 10.00 9.61 -11.39
N TRP A 444 10.70 9.50 -10.26
CA TRP A 444 11.35 10.66 -9.68
C TRP A 444 12.36 11.24 -10.65
N MET A 445 13.17 10.39 -11.28
CA MET A 445 14.17 10.86 -12.22
C MET A 445 13.54 11.47 -13.46
N VAL A 446 12.44 10.89 -13.94
CA VAL A 446 11.75 11.47 -15.08
C VAL A 446 11.24 12.86 -14.74
N PHE A 447 10.54 12.99 -13.60
CA PHE A 447 10.03 14.30 -13.20
C PHE A 447 11.17 15.28 -13.00
N LYS A 448 12.31 14.81 -12.49
CA LYS A 448 13.47 15.66 -12.30
C LYS A 448 14.05 16.16 -13.61
N GLY A 449 13.76 15.49 -14.72
CA GLY A 449 14.40 15.79 -15.98
C GLY A 449 15.71 15.06 -16.22
N GLU A 450 16.02 14.04 -15.42
CA GLU A 450 17.28 13.32 -15.54
C GLU A 450 17.25 12.22 -16.60
N ILE A 451 16.08 11.85 -17.10
CA ILE A 451 15.99 10.83 -18.15
C ILE A 451 15.34 11.45 -19.39
N PRO A 452 16.08 11.64 -20.48
CA PRO A 452 15.45 12.14 -21.70
C PRO A 452 14.37 11.21 -22.20
N LYS A 453 13.40 11.78 -22.91
CA LYS A 453 12.34 10.97 -23.50
C LYS A 453 12.92 9.82 -24.32
N ASP A 454 13.92 10.11 -25.15
CA ASP A 454 14.47 9.14 -26.07
C ASP A 454 15.24 8.01 -25.38
N GLN A 455 15.32 7.98 -24.04
CA GLN A 455 15.81 6.79 -23.36
C GLN A 455 14.94 6.42 -22.16
N TRP A 456 13.73 6.97 -22.06
CA TRP A 456 12.80 6.57 -21.00
C TRP A 456 12.82 5.06 -20.78
N MET A 457 12.55 4.30 -21.84
CA MET A 457 12.51 2.84 -21.71
C MET A 457 13.91 2.27 -21.53
N LYS A 458 14.89 2.81 -22.27
CA LYS A 458 16.25 2.29 -22.15
C LYS A 458 16.72 2.37 -20.71
N LYS A 459 16.46 3.50 -20.05
CA LYS A 459 16.82 3.62 -18.64
C LYS A 459 15.94 2.72 -17.77
N TRP A 460 14.63 2.68 -18.06
CA TRP A 460 13.73 1.84 -17.26
C TRP A 460 14.30 0.44 -17.14
N TRP A 461 14.59 -0.17 -18.28
CA TRP A 461 15.08 -1.54 -18.27
C TRP A 461 16.49 -1.61 -17.70
N GLU A 462 17.33 -0.60 -17.96
CA GLU A 462 18.64 -0.57 -17.30
C GLU A 462 18.46 -0.64 -15.79
N MET A 463 17.46 0.09 -15.27
CA MET A 463 17.25 0.07 -13.83
C MET A 463 16.64 -1.25 -13.40
N LYS A 464 15.72 -1.79 -14.22
CA LYS A 464 15.12 -3.08 -13.88
C LYS A 464 16.20 -4.13 -13.70
N ARG A 465 17.15 -4.16 -14.64
CA ARG A 465 18.25 -5.10 -14.55
C ARG A 465 19.11 -4.84 -13.32
N GLU A 466 19.40 -3.57 -13.02
CA GLU A 466 20.41 -3.30 -12.00
C GLU A 466 19.84 -3.42 -10.60
N ILE A 467 18.70 -2.76 -10.36
CA ILE A 467 18.14 -2.70 -9.02
C ILE A 467 17.34 -3.95 -8.71
N VAL A 468 16.49 -4.38 -9.66
CA VAL A 468 15.54 -5.44 -9.41
C VAL A 468 16.04 -6.81 -9.83
N GLY A 469 17.09 -6.89 -10.63
CA GLY A 469 17.54 -8.17 -11.15
C GLY A 469 16.52 -8.80 -12.08
N VAL A 470 15.88 -8.00 -12.92
CA VAL A 470 14.83 -8.45 -13.82
C VAL A 470 15.10 -7.86 -15.20
N VAL A 471 14.92 -8.68 -16.23
CA VAL A 471 15.30 -8.33 -17.59
C VAL A 471 14.11 -8.54 -18.52
N GLU A 472 13.95 -7.64 -19.48
CA GLU A 472 12.84 -7.74 -20.42
C GLU A 472 13.05 -8.93 -21.35
N PRO A 473 12.01 -9.74 -21.60
CA PRO A 473 12.19 -10.88 -22.51
C PRO A 473 12.35 -10.47 -23.97
N VAL A 474 11.89 -9.28 -24.36
CA VAL A 474 12.12 -8.75 -25.70
C VAL A 474 12.45 -7.28 -25.60
N PRO A 475 13.24 -6.77 -26.57
CA PRO A 475 13.63 -5.36 -26.51
C PRO A 475 12.46 -4.44 -26.75
N HIS A 476 12.45 -3.31 -26.04
CA HIS A 476 11.38 -2.33 -26.14
C HIS A 476 12.00 -0.98 -26.47
N ASP A 477 11.59 -0.41 -27.60
CA ASP A 477 12.05 0.92 -27.99
C ASP A 477 11.18 1.97 -27.30
N GLU A 478 11.37 3.24 -27.67
CA GLU A 478 10.72 4.35 -26.99
C GLU A 478 9.28 4.59 -27.44
N THR A 479 8.71 3.70 -28.25
CA THR A 479 7.26 3.71 -28.46
C THR A 479 6.51 3.06 -27.29
N TYR A 480 7.20 2.27 -26.47
CA TYR A 480 6.59 1.64 -25.31
C TYR A 480 6.55 2.61 -24.13
N CYS A 481 5.57 2.41 -23.25
CA CYS A 481 5.59 3.02 -21.91
C CYS A 481 5.28 1.91 -20.91
N ASP A 482 6.28 1.11 -20.57
CA ASP A 482 6.09 -0.03 -19.72
C ASP A 482 5.66 0.35 -18.30
N PRO A 483 6.25 1.39 -17.70
CA PRO A 483 5.77 1.81 -16.36
C PRO A 483 4.27 2.07 -16.32
N ALA A 484 3.73 2.71 -17.36
CA ALA A 484 2.33 3.07 -17.39
C ALA A 484 1.42 1.85 -17.52
N SER A 485 1.97 0.69 -17.87
CA SER A 485 1.17 -0.52 -17.93
C SER A 485 0.77 -1.03 -16.55
N LEU A 486 1.27 -0.42 -15.48
CA LEU A 486 0.81 -0.71 -14.12
C LEU A 486 -0.20 0.35 -13.70
N PHE A 487 -1.23 -0.09 -12.97
CA PHE A 487 -2.37 0.78 -12.65
C PHE A 487 -1.93 2.09 -12.01
N HIS A 488 -1.04 2.02 -11.02
CA HIS A 488 -0.71 3.19 -10.23
C HIS A 488 -0.02 4.27 -11.07
N VAL A 489 0.71 3.87 -12.11
CA VAL A 489 1.40 4.84 -12.95
C VAL A 489 0.41 5.54 -13.88
N SER A 490 -0.42 4.76 -14.57
CA SER A 490 -1.38 5.33 -15.49
C SER A 490 -2.50 6.07 -14.76
N ASN A 491 -2.78 5.74 -13.51
CA ASN A 491 -3.81 6.42 -12.73
C ASN A 491 -3.24 7.44 -11.75
N ASP A 492 -1.95 7.79 -11.89
CA ASP A 492 -1.39 8.99 -11.25
C ASP A 492 -1.40 8.87 -9.73
N TYR A 493 -0.93 7.72 -9.23
CA TYR A 493 -0.75 7.50 -7.80
C TYR A 493 0.72 7.37 -7.48
N SER A 494 1.16 8.03 -6.42
CA SER A 494 2.51 7.79 -5.91
C SER A 494 2.61 6.36 -5.39
N PHE A 495 3.83 5.81 -5.43
CA PHE A 495 4.05 4.39 -5.20
C PHE A 495 4.95 4.09 -4.01
N ILE A 496 5.73 5.06 -3.52
CA ILE A 496 6.69 4.77 -2.46
C ILE A 496 6.01 4.38 -1.15
N ARG A 497 4.71 4.67 -1.02
CA ARG A 497 3.98 4.27 0.18
C ARG A 497 4.12 2.77 0.44
N TYR A 498 4.18 1.96 -0.61
CA TYR A 498 4.27 0.51 -0.42
C TYR A 498 5.62 0.08 0.14
N TYR A 499 6.64 0.91 -0.03
CA TYR A 499 7.95 0.66 0.57
C TYR A 499 7.94 1.09 2.03
N THR A 500 7.63 2.37 2.30
CA THR A 500 7.64 2.87 3.67
C THR A 500 6.68 2.07 4.55
N ARG A 501 5.43 1.90 4.08
CA ARG A 501 4.46 1.08 4.79
C ARG A 501 5.09 -0.22 5.26
N THR A 502 5.83 -0.87 4.37
CA THR A 502 6.41 -2.16 4.72
C THR A 502 7.38 -2.01 5.88
N LEU A 503 8.35 -1.10 5.75
CA LEU A 503 9.34 -0.94 6.81
C LEU A 503 8.64 -0.60 8.11
N TYR A 504 7.76 0.40 8.08
CA TYR A 504 7.04 0.79 9.29
C TYR A 504 6.46 -0.43 9.99
N GLN A 505 5.79 -1.30 9.23
CA GLN A 505 4.98 -2.32 9.90
C GLN A 505 5.85 -3.26 10.71
N PHE A 506 7.09 -3.48 10.29
CA PHE A 506 7.94 -4.36 11.09
C PHE A 506 8.53 -3.59 12.27
N GLN A 507 8.90 -2.32 12.05
CA GLN A 507 9.29 -1.48 13.18
C GLN A 507 8.25 -1.58 14.28
N PHE A 508 7.03 -1.15 13.99
CA PHE A 508 5.92 -1.31 14.92
C PHE A 508 5.99 -2.67 15.60
N GLN A 509 5.92 -3.74 14.81
CA GLN A 509 5.75 -5.06 15.42
C GLN A 509 6.89 -5.32 16.39
N GLU A 510 8.12 -5.09 15.96
CA GLU A 510 9.25 -5.41 16.82
C GLU A 510 9.10 -4.66 18.14
N ALA A 511 8.84 -3.36 18.07
CA ALA A 511 8.67 -2.58 19.29
C ALA A 511 7.58 -3.18 20.15
N LEU A 512 6.41 -3.41 19.56
CA LEU A 512 5.31 -3.96 20.36
C LEU A 512 5.73 -5.29 20.97
N CYS A 513 6.39 -6.13 20.17
CA CYS A 513 6.77 -7.46 20.67
C CYS A 513 7.81 -7.35 21.75
N GLN A 514 8.68 -6.35 21.69
CA GLN A 514 9.60 -6.11 22.80
C GLN A 514 8.85 -5.65 24.04
N ALA A 515 7.83 -4.81 23.84
CA ALA A 515 7.01 -4.36 24.96
C ALA A 515 6.30 -5.54 25.62
N ALA A 516 5.90 -6.54 24.82
CA ALA A 516 5.26 -7.74 25.33
C ALA A 516 6.27 -8.77 25.84
N LYS A 517 7.56 -8.43 25.91
CA LYS A 517 8.59 -9.36 26.34
C LYS A 517 8.49 -10.68 25.59
N HIS A 518 8.46 -10.59 24.26
CA HIS A 518 8.35 -11.78 23.44
C HIS A 518 9.65 -12.57 23.45
N GLU A 519 9.52 -13.90 23.52
CA GLU A 519 10.65 -14.81 23.53
C GLU A 519 10.69 -15.58 22.22
N GLY A 520 11.85 -15.56 21.57
CA GLY A 520 12.04 -16.33 20.36
C GLY A 520 12.10 -15.47 19.12
N PRO A 521 12.06 -16.09 17.95
CA PRO A 521 12.13 -15.33 16.70
C PRO A 521 10.94 -14.37 16.58
N LEU A 522 11.21 -13.20 16.01
CA LEU A 522 10.20 -12.15 15.92
C LEU A 522 8.95 -12.63 15.21
N HIS A 523 9.10 -13.47 14.19
CA HIS A 523 7.96 -13.84 13.36
C HIS A 523 6.92 -14.68 14.10
N LYS A 524 7.26 -15.23 15.26
CA LYS A 524 6.33 -16.03 16.05
C LYS A 524 5.63 -15.22 17.12
N CYS A 525 5.86 -13.91 17.18
CA CYS A 525 5.36 -13.10 18.28
C CYS A 525 3.86 -12.85 18.18
N ASP A 526 3.19 -12.87 19.33
CA ASP A 526 1.79 -12.51 19.49
C ASP A 526 1.71 -11.49 20.62
N ILE A 527 1.03 -10.36 20.37
CA ILE A 527 0.96 -9.29 21.35
C ILE A 527 -0.29 -9.42 22.22
N SER A 528 -1.05 -10.49 22.07
CA SER A 528 -2.27 -10.67 22.83
C SER A 528 -1.98 -10.62 24.34
N ASN A 529 -2.85 -9.94 25.08
CA ASN A 529 -2.77 -9.83 26.53
C ASN A 529 -1.58 -9.01 26.99
N SER A 530 -1.09 -8.09 26.16
CA SER A 530 0.00 -7.20 26.53
C SER A 530 -0.52 -5.76 26.50
N THR A 531 -1.06 -5.30 27.63
CA THR A 531 -1.55 -3.93 27.70
C THR A 531 -0.43 -2.90 27.56
N GLU A 532 0.81 -3.30 27.87
CA GLU A 532 1.95 -2.42 27.61
C GLU A 532 2.13 -2.19 26.11
N ALA A 533 1.98 -3.24 25.31
CA ALA A 533 2.05 -3.10 23.86
C ALA A 533 0.92 -2.20 23.35
N GLY A 534 -0.30 -2.44 23.82
CA GLY A 534 -1.42 -1.61 23.41
C GLY A 534 -1.23 -0.16 23.80
N GLN A 535 -0.59 0.08 24.96
CA GLN A 535 -0.33 1.44 25.38
C GLN A 535 0.67 2.12 24.45
N LYS A 536 1.76 1.44 24.13
CA LYS A 536 2.73 2.01 23.20
C LYS A 536 2.09 2.31 21.85
N LEU A 537 1.26 1.38 21.36
CA LEU A 537 0.59 1.60 20.07
C LEU A 537 -0.36 2.78 20.15
N PHE A 538 -1.17 2.84 21.22
CA PHE A 538 -2.17 3.89 21.36
C PHE A 538 -1.52 5.26 21.45
N ASN A 539 -0.34 5.36 22.05
CA ASN A 539 0.34 6.65 22.14
C ASN A 539 0.64 7.25 20.76
N MET A 540 0.70 6.43 19.72
CA MET A 540 0.79 6.94 18.35
C MET A 540 -0.57 7.03 17.67
N LEU A 541 -1.44 6.04 17.91
CA LEU A 541 -2.74 6.03 17.26
C LEU A 541 -3.52 7.30 17.59
N ARG A 542 -3.52 7.72 18.87
CA ARG A 542 -4.33 8.87 19.26
C ARG A 542 -3.85 10.17 18.63
N LEU A 543 -2.62 10.20 18.11
CA LEU A 543 -2.09 11.45 17.56
C LEU A 543 -2.81 11.85 16.28
N GLY A 544 -3.32 10.89 15.52
CA GLY A 544 -3.76 11.21 14.18
C GLY A 544 -2.57 11.77 13.42
N LYS A 545 -2.77 12.91 12.75
CA LYS A 545 -1.68 13.62 12.11
C LYS A 545 -1.48 15.00 12.75
N SER A 546 -1.78 15.12 14.04
CA SER A 546 -1.54 16.35 14.78
C SER A 546 -0.06 16.58 15.04
N GLU A 547 0.77 15.56 14.91
CA GLU A 547 2.20 15.64 15.17
C GLU A 547 2.97 15.12 13.97
N PRO A 548 4.22 15.53 13.81
CA PRO A 548 5.03 15.00 12.71
C PRO A 548 5.10 13.49 12.78
N TRP A 549 5.10 12.85 11.60
CA TRP A 549 5.16 11.40 11.56
C TRP A 549 6.42 10.88 12.24
N THR A 550 7.49 11.67 12.25
CA THR A 550 8.70 11.28 12.96
C THR A 550 8.42 11.13 14.46
N LEU A 551 7.74 12.10 15.05
CA LEU A 551 7.38 12.00 16.46
C LEU A 551 6.41 10.85 16.70
N ALA A 552 5.41 10.70 15.81
CA ALA A 552 4.44 9.62 15.97
C ALA A 552 5.13 8.25 15.94
N LEU A 553 6.11 8.10 15.06
CA LEU A 553 6.88 6.87 14.98
C LEU A 553 7.71 6.66 16.24
N GLU A 554 8.38 7.71 16.71
CA GLU A 554 9.15 7.62 17.94
C GLU A 554 8.27 7.20 19.11
N ASN A 555 7.00 7.60 19.11
CA ASN A 555 6.10 7.24 20.20
C ASN A 555 5.95 5.72 20.32
N VAL A 556 5.97 5.00 19.20
CA VAL A 556 5.83 3.54 19.24
C VAL A 556 7.19 2.86 19.41
N VAL A 557 8.18 3.26 18.63
CA VAL A 557 9.39 2.47 18.47
C VAL A 557 10.64 3.16 19.01
N GLY A 558 10.52 4.35 19.57
CA GLY A 558 11.67 4.98 20.20
C GLY A 558 12.69 5.56 19.26
N ALA A 559 12.41 5.60 17.96
CA ALA A 559 13.29 6.23 16.99
C ALA A 559 12.47 7.07 16.04
N LYS A 560 13.12 8.07 15.44
CA LYS A 560 12.44 9.10 14.67
C LYS A 560 12.41 8.83 13.17
N ASN A 561 13.05 7.77 12.68
CA ASN A 561 13.16 7.58 11.24
C ASN A 561 12.86 6.14 10.84
N MET A 562 12.45 6.01 9.58
CA MET A 562 12.33 4.71 8.94
C MET A 562 13.58 3.88 9.18
N ASN A 563 13.38 2.59 9.46
CA ASN A 563 14.49 1.68 9.73
C ASN A 563 14.14 0.30 9.19
N VAL A 564 15.07 -0.28 8.41
CA VAL A 564 14.83 -1.59 7.83
C VAL A 564 15.33 -2.73 8.71
N ARG A 565 16.09 -2.43 9.75
CA ARG A 565 16.66 -3.50 10.58
C ARG A 565 15.60 -4.42 11.16
N PRO A 566 14.46 -3.93 11.68
CA PRO A 566 13.42 -4.86 12.15
C PRO A 566 12.91 -5.82 11.07
N LEU A 567 12.72 -5.34 9.84
CA LEU A 567 12.29 -6.25 8.77
C LEU A 567 13.33 -7.33 8.55
N LEU A 568 14.61 -6.96 8.55
CA LEU A 568 15.67 -7.95 8.40
C LEU A 568 15.64 -8.96 9.55
N ASN A 569 15.40 -8.48 10.77
CA ASN A 569 15.31 -9.38 11.92
C ASN A 569 14.17 -10.38 11.75
N TYR A 570 13.02 -9.89 11.27
CA TYR A 570 11.88 -10.78 11.07
C TYR A 570 12.21 -11.93 10.14
N PHE A 571 13.02 -11.68 9.11
CA PHE A 571 13.35 -12.68 8.10
C PHE A 571 14.70 -13.34 8.35
N GLU A 572 15.35 -13.04 9.47
CA GLU A 572 16.69 -13.57 9.71
C GLU A 572 16.76 -15.10 9.62
N PRO A 573 15.81 -15.86 10.18
CA PRO A 573 15.87 -17.32 9.99
C PRO A 573 15.88 -17.73 8.53
N LEU A 574 15.03 -17.10 7.71
CA LEU A 574 15.02 -17.38 6.28
C LEU A 574 16.33 -16.98 5.63
N PHE A 575 16.90 -15.84 6.06
CA PHE A 575 18.17 -15.39 5.50
C PHE A 575 19.26 -16.42 5.75
N THR A 576 19.33 -16.94 6.98
CA THR A 576 20.29 -17.98 7.32
C THR A 576 20.09 -19.22 6.45
N TRP A 577 18.85 -19.68 6.36
CA TRP A 577 18.56 -20.85 5.55
C TRP A 577 18.96 -20.63 4.10
N LEU A 578 18.64 -19.45 3.55
CA LEU A 578 18.94 -19.17 2.16
C LEU A 578 20.44 -19.15 1.91
N LYS A 579 21.20 -18.51 2.80
CA LYS A 579 22.65 -18.53 2.65
C LYS A 579 23.14 -19.96 2.55
N ASP A 580 22.64 -20.85 3.42
CA ASP A 580 23.07 -22.24 3.33
C ASP A 580 22.63 -22.87 2.01
N GLN A 581 21.40 -22.59 1.56
CA GLN A 581 20.90 -23.17 0.32
C GLN A 581 21.73 -22.71 -0.88
N ASN A 582 22.16 -21.46 -0.86
CA ASN A 582 22.82 -20.83 -2.01
C ASN A 582 24.33 -21.05 -2.02
N LYS A 583 24.85 -21.93 -1.17
CA LYS A 583 26.30 -22.02 -1.03
C LYS A 583 26.99 -22.62 -2.23
N ASN A 584 26.25 -23.23 -3.16
CA ASN A 584 26.81 -23.68 -4.43
C ASN A 584 26.14 -22.99 -5.62
N SER A 585 25.60 -21.79 -5.41
CA SER A 585 24.95 -21.02 -6.46
C SER A 585 25.59 -19.65 -6.54
N PHE A 586 25.41 -18.99 -7.68
CA PHE A 586 25.72 -17.57 -7.78
C PHE A 586 24.67 -16.77 -7.02
N VAL A 587 25.12 -15.72 -6.35
CA VAL A 587 24.25 -14.80 -5.63
C VAL A 587 24.49 -13.41 -6.19
N GLY A 588 23.41 -12.79 -6.68
CA GLY A 588 23.52 -11.61 -7.52
C GLY A 588 23.33 -11.97 -8.98
N TRP A 589 23.55 -10.98 -9.83
CA TRP A 589 23.26 -11.15 -11.24
C TRP A 589 24.12 -10.22 -12.09
N SER A 590 24.41 -10.67 -13.31
CA SER A 590 24.98 -9.82 -14.34
C SER A 590 23.85 -9.18 -15.13
N THR A 591 23.95 -7.87 -15.35
CA THR A 591 22.98 -7.14 -16.16
C THR A 591 23.16 -7.37 -17.65
N ASP A 592 24.18 -8.11 -18.06
CA ASP A 592 24.49 -8.24 -19.49
C ASP A 592 23.59 -9.23 -20.19
N TRP A 593 23.21 -10.30 -19.52
CA TRP A 593 22.43 -11.36 -20.16
C TRP A 593 21.01 -10.90 -20.44
N SER A 594 20.47 -11.33 -21.57
CA SER A 594 19.05 -11.16 -21.84
C SER A 594 18.51 -12.39 -22.56
N PRO A 595 17.22 -12.66 -22.44
CA PRO A 595 16.63 -13.79 -23.18
C PRO A 595 16.80 -13.70 -24.68
N TYR A 596 16.86 -12.49 -25.25
CA TYR A 596 16.87 -12.31 -26.69
C TYR A 596 18.25 -12.02 -27.26
N ALA A 597 19.25 -11.76 -26.42
CA ALA A 597 20.61 -11.56 -26.89
C ALA A 597 21.27 -12.90 -27.16
N ALA B 3 -17.76 5.79 -5.01
CA ALA B 3 -16.98 6.97 -4.62
C ALA B 3 -17.33 7.38 -3.19
N ARG B 4 -16.29 7.70 -2.40
CA ARG B 4 -16.47 7.97 -0.99
C ARG B 4 -15.61 9.15 -0.56
N PRO B 5 -15.98 9.80 0.55
CA PRO B 5 -15.28 11.01 0.98
C PRO B 5 -14.02 10.71 1.79
N LEU B 6 -13.01 11.54 1.59
CA LEU B 6 -11.77 11.51 2.36
C LEU B 6 -11.68 12.76 3.25
N ARG B 7 -10.75 12.72 4.20
CA ARG B 7 -10.44 13.84 5.08
C ARG B 7 -9.06 14.43 4.74
N HIS B 8 -8.73 14.46 3.46
CA HIS B 8 -7.48 14.98 2.93
C HIS B 8 -7.62 15.01 1.43
N ARG B 9 -6.88 15.89 0.77
CA ARG B 9 -6.99 15.95 -0.67
C ARG B 9 -6.59 14.60 -1.26
N PRO B 10 -7.31 14.08 -2.26
CA PRO B 10 -8.32 14.72 -3.14
C PRO B 10 -9.76 14.86 -2.62
N TRP B 11 -10.05 14.34 -1.43
CA TRP B 11 -11.31 14.55 -0.72
C TRP B 11 -12.52 13.80 -1.26
N TYR B 12 -12.46 13.31 -2.51
CA TYR B 12 -13.55 12.50 -3.05
C TYR B 12 -12.92 11.56 -4.07
N VAL B 13 -12.73 10.32 -3.66
CA VAL B 13 -12.09 9.33 -4.48
C VAL B 13 -13.16 8.39 -5.02
N SER B 14 -12.79 7.60 -6.03
CA SER B 14 -13.69 6.59 -6.57
C SER B 14 -13.21 5.19 -6.18
#